data_7QNP
#
_entry.id   7QNP
#
_cell.length_a   56.592
_cell.length_b   62.655
_cell.length_c   108.740
_cell.angle_alpha   90.000
_cell.angle_beta   90.000
_cell.angle_gamma   90.000
#
_symmetry.space_group_name_H-M   'P 21 21 21'
#
loop_
_entity.id
_entity.type
_entity.pdbx_description
1 polymer 'Designed Armadillo Repeat Protein N(A4)M4C(AII)'
2 polymer Lysozyme
3 non-polymer 1,2-ETHANEDIOL
4 non-polymer '1,4-DIETHYLENE DIOXIDE'
5 water water
#
loop_
_entity_poly.entity_id
_entity_poly.type
_entity_poly.pdbx_seq_one_letter_code
_entity_poly.pdbx_strand_id
1 'polypeptide(L)'
;PDLPKLVKLLKSSNEEILLKALRALAEIASGGNEQIQAVIDAGALPALVQLLSSPNEQILQEALWALSNIASGGNEQIQA
VIDAGALPALVQLLSSPNEQILQEALWALSNIASGGNEQIQAVIDAGALPALVQLLSSPNEQILQEALWALSNIASGGNE
QIQAVIDAGALPALVQLLSSPNEQILQEALWALSNIASGGNEQKQAVKEAGALEKLEQLQSHENEKIQKEAQEALEKLQS
;
AAA
2 'polypeptide(L)'
;KVFGRCELAAAMKRHGLDNYRGYSLGNWVCAAKFESNFNTQATNRNTDGSTDYGILQINSRWWCNDGRTPGSRNLCNIPC
SALLSSDITASVNCAKKIVSDGNGMNAWVAWRNRCKGTDVQAWIRGCRL
;
BBB
#
# COMPACT_ATOMS: atom_id res chain seq x y z
N PRO A 1 -0.89 30.82 -5.29
CA PRO A 1 -1.88 29.94 -5.94
C PRO A 1 -3.11 29.66 -5.03
N ASP A 2 -4.31 29.57 -5.61
CA ASP A 2 -5.50 29.15 -4.83
C ASP A 2 -5.77 27.64 -5.05
N LEU A 3 -5.46 26.80 -4.05
CA LEU A 3 -5.50 25.33 -4.19
C LEU A 3 -6.95 24.89 -4.45
N PRO A 4 -7.94 25.41 -3.70
CA PRO A 4 -9.31 25.03 -3.97
C PRO A 4 -9.70 25.29 -5.43
N LYS A 5 -9.29 26.40 -6.02
CA LYS A 5 -9.65 26.72 -7.42
C LYS A 5 -8.93 25.76 -8.39
N LEU A 6 -7.66 25.53 -8.19
CA LEU A 6 -6.93 24.43 -8.90
C LEU A 6 -7.69 23.09 -8.86
N VAL A 7 -8.18 22.71 -7.71
CA VAL A 7 -8.85 21.39 -7.57
C VAL A 7 -10.16 21.44 -8.35
N LYS A 8 -10.90 22.56 -8.29
CA LYS A 8 -12.20 22.63 -9.03
C LYS A 8 -11.94 22.57 -10.53
N LEU A 9 -10.79 23.04 -10.99
CA LEU A 9 -10.52 23.06 -12.44
C LEU A 9 -10.45 21.61 -12.97
N LEU A 10 -10.15 20.67 -12.07
CA LEU A 10 -10.03 19.25 -12.45
C LEU A 10 -11.45 18.69 -12.68
N LYS A 11 -12.53 19.46 -12.48
CA LYS A 11 -13.89 18.99 -12.84
C LYS A 11 -14.17 19.23 -14.34
N SER A 12 -13.25 19.95 -15.00
CA SER A 12 -13.36 20.37 -16.42
C SER A 12 -13.29 19.16 -17.33
N SER A 13 -14.01 19.21 -18.46
CA SER A 13 -13.82 18.24 -19.58
C SER A 13 -12.80 18.84 -20.58
N ASN A 14 -12.44 20.12 -20.42
CA ASN A 14 -11.50 20.83 -21.35
C ASN A 14 -10.08 20.34 -21.11
N GLU A 15 -9.42 19.69 -22.07
CA GLU A 15 -8.05 19.12 -21.85
C GLU A 15 -6.98 20.20 -21.66
N GLU A 16 -7.15 21.41 -22.17
CA GLU A 16 -6.12 22.45 -21.93
C GLU A 16 -6.28 22.93 -20.49
N ILE A 17 -7.53 22.99 -20.00
CA ILE A 17 -7.81 23.49 -18.62
C ILE A 17 -7.19 22.45 -17.66
N LEU A 18 -7.48 21.18 -17.88
CA LEU A 18 -6.96 20.08 -17.02
C LEU A 18 -5.43 20.14 -16.94
N LEU A 19 -4.71 20.34 -18.05
CA LEU A 19 -3.21 20.31 -18.05
C LEU A 19 -2.55 21.46 -17.27
N LYS A 20 -3.13 22.65 -17.30
CA LYS A 20 -2.51 23.79 -16.57
C LYS A 20 -2.68 23.59 -15.06
N ALA A 21 -3.88 23.20 -14.57
CA ALA A 21 -4.13 22.98 -13.13
C ALA A 21 -3.22 21.82 -12.64
N LEU A 22 -3.14 20.70 -13.38
CA LEU A 22 -2.30 19.51 -12.97
C LEU A 22 -0.83 19.97 -12.79
N ARG A 23 -0.31 20.74 -13.75
CA ARG A 23 1.06 21.29 -13.67
C ARG A 23 1.27 22.06 -12.36
N ALA A 24 0.33 22.93 -11.98
CA ALA A 24 0.47 23.77 -10.75
C ALA A 24 0.44 22.89 -9.47
N LEU A 25 -0.53 21.99 -9.39
CA LEU A 25 -0.65 21.01 -8.24
C LEU A 25 0.68 20.25 -8.09
N ALA A 26 1.18 19.71 -9.19
CA ALA A 26 2.46 18.94 -9.15
C ALA A 26 3.60 19.78 -8.56
N GLU A 27 3.71 21.04 -9.01
CA GLU A 27 4.82 21.92 -8.57
C GLU A 27 4.74 22.20 -7.05
N ILE A 28 3.54 22.51 -6.58
CA ILE A 28 3.26 22.77 -5.13
C ILE A 28 3.61 21.49 -4.34
N ALA A 29 3.23 20.33 -4.90
CA ALA A 29 3.39 19.07 -4.13
C ALA A 29 4.87 18.72 -4.06
N SER A 30 5.70 19.45 -4.83
CA SER A 30 7.18 19.22 -4.80
C SER A 30 7.81 19.99 -3.64
N GLY A 31 7.07 20.87 -2.96
CA GLY A 31 7.67 21.85 -2.03
C GLY A 31 7.74 21.35 -0.61
N GLY A 32 7.77 20.04 -0.36
CA GLY A 32 7.86 19.54 1.04
C GLY A 32 6.50 19.17 1.65
N ASN A 33 6.52 18.60 2.85
CA ASN A 33 5.38 17.84 3.43
C ASN A 33 4.24 18.78 3.82
N GLU A 34 4.49 20.03 4.24
CA GLU A 34 3.37 20.94 4.55
C GLU A 34 2.65 21.30 3.26
N GLN A 35 3.38 21.50 2.18
CA GLN A 35 2.77 21.80 0.87
C GLN A 35 1.99 20.56 0.44
N ILE A 36 2.57 19.37 0.60
CA ILE A 36 1.84 18.13 0.20
C ILE A 36 0.54 18.07 0.97
N GLN A 37 0.60 18.32 2.26
CA GLN A 37 -0.60 18.30 3.11
C GLN A 37 -1.65 19.31 2.62
N ALA A 38 -1.26 20.51 2.14
CA ALA A 38 -2.20 21.52 1.60
C ALA A 38 -2.88 20.94 0.36
N VAL A 39 -2.11 20.28 -0.50
CA VAL A 39 -2.70 19.70 -1.74
C VAL A 39 -3.70 18.65 -1.31
N ILE A 40 -3.34 17.75 -0.37
CA ILE A 40 -4.24 16.66 0.11
C ILE A 40 -5.51 17.35 0.70
N ASP A 41 -5.25 18.28 1.61
CA ASP A 41 -6.36 18.94 2.38
C ASP A 41 -7.37 19.60 1.40
N ALA A 42 -6.95 20.10 0.23
CA ALA A 42 -7.82 20.77 -0.76
C ALA A 42 -8.66 19.76 -1.55
N GLY A 43 -8.44 18.45 -1.39
CA GLY A 43 -9.28 17.47 -2.10
C GLY A 43 -8.80 17.15 -3.49
N ALA A 44 -7.49 17.32 -3.76
CA ALA A 44 -6.79 17.09 -5.06
C ALA A 44 -6.80 15.60 -5.46
N LEU A 45 -6.68 14.71 -4.48
CA LEU A 45 -6.31 13.27 -4.86
C LEU A 45 -7.40 12.54 -5.65
N PRO A 46 -8.73 12.52 -5.34
CA PRO A 46 -9.72 11.87 -6.20
C PRO A 46 -9.60 12.23 -7.69
N ALA A 47 -9.36 13.50 -8.01
CA ALA A 47 -9.34 13.96 -9.41
C ALA A 47 -8.02 13.54 -10.00
N LEU A 48 -6.95 13.61 -9.24
CA LEU A 48 -5.61 13.18 -9.76
C LEU A 48 -5.74 11.70 -10.16
N VAL A 49 -6.37 10.91 -9.30
CA VAL A 49 -6.53 9.46 -9.55
C VAL A 49 -7.41 9.23 -10.75
N GLN A 50 -8.61 9.83 -10.82
CA GLN A 50 -9.49 9.65 -12.01
C GLN A 50 -8.71 9.99 -13.28
N LEU A 51 -7.86 11.01 -13.25
CA LEU A 51 -7.13 11.46 -14.45
C LEU A 51 -6.04 10.48 -14.90
N LEU A 52 -5.66 9.53 -14.05
CA LEU A 52 -4.71 8.49 -14.56
C LEU A 52 -5.36 7.70 -15.71
N SER A 53 -6.69 7.84 -15.90
CA SER A 53 -7.44 7.22 -17.03
C SER A 53 -7.49 8.13 -18.26
N SER A 54 -6.89 9.30 -18.21
CA SER A 54 -6.90 10.22 -19.38
C SER A 54 -6.21 9.57 -20.57
N PRO A 55 -6.87 9.44 -21.75
CA PRO A 55 -6.23 8.96 -22.99
C PRO A 55 -5.17 9.97 -23.45
N ASN A 56 -5.23 11.19 -22.94
CA ASN A 56 -4.25 12.25 -23.23
C ASN A 56 -2.97 12.01 -22.45
N GLU A 57 -1.84 11.75 -23.10
CA GLU A 57 -0.61 11.32 -22.39
C GLU A 57 0.04 12.48 -21.62
N GLN A 58 -0.16 13.73 -22.03
CA GLN A 58 0.54 14.85 -21.30
C GLN A 58 -0.19 15.09 -19.96
N ILE A 59 -1.51 14.87 -19.96
CA ILE A 59 -2.36 15.05 -18.74
C ILE A 59 -1.91 13.91 -17.79
N LEU A 60 -1.82 12.68 -18.34
CA LEU A 60 -1.40 11.48 -17.57
C LEU A 60 -0.04 11.76 -16.91
N GLN A 61 0.95 12.22 -17.66
CA GLN A 61 2.31 12.48 -17.17
C GLN A 61 2.21 13.47 -16.02
N GLU A 62 1.43 14.55 -16.18
CA GLU A 62 1.43 15.55 -15.08
C GLU A 62 0.82 15.01 -13.76
N ALA A 63 -0.27 14.27 -13.89
CA ALA A 63 -1.01 13.64 -12.79
C ALA A 63 -0.06 12.66 -12.08
N LEU A 64 0.78 11.95 -12.84
CA LEU A 64 1.70 10.98 -12.23
C LEU A 64 2.77 11.71 -11.41
N TRP A 65 3.30 12.80 -11.94
N TRP A 65 3.34 12.81 -11.92
CA TRP A 65 4.32 13.59 -11.24
CA TRP A 65 4.38 13.60 -11.19
C TRP A 65 3.73 14.16 -9.94
C TRP A 65 3.73 14.17 -9.93
N ALA A 66 2.48 14.65 -9.98
CA ALA A 66 1.77 15.18 -8.78
C ALA A 66 1.67 14.05 -7.74
N LEU A 67 1.15 12.92 -8.16
CA LEU A 67 0.93 11.76 -7.22
C LEU A 67 2.25 11.26 -6.69
N SER A 68 3.25 11.21 -7.56
CA SER A 68 4.59 10.78 -7.17
C SER A 68 5.17 11.69 -6.11
N ASN A 69 4.96 13.00 -6.32
CA ASN A 69 5.48 13.95 -5.31
C ASN A 69 4.76 13.86 -3.95
N ILE A 70 3.45 13.72 -3.98
CA ILE A 70 2.66 13.52 -2.75
C ILE A 70 3.17 12.28 -2.01
N ALA A 71 3.43 11.21 -2.78
CA ALA A 71 3.87 9.91 -2.22
C ALA A 71 5.33 9.98 -1.70
N SER A 72 6.01 11.13 -1.89
CA SER A 72 7.34 11.36 -1.30
C SER A 72 7.21 11.86 0.13
N GLY A 73 6.01 12.09 0.63
CA GLY A 73 5.79 12.56 2.01
C GLY A 73 5.82 11.47 3.05
N GLY A 74 5.22 11.72 4.22
CA GLY A 74 5.28 10.76 5.32
C GLY A 74 4.24 9.65 5.08
N ASN A 75 4.23 8.65 5.92
CA ASN A 75 3.44 7.41 5.72
C ASN A 75 1.95 7.74 5.64
N GLU A 76 1.46 8.72 6.39
N GLU A 76 1.45 8.69 6.44
CA GLU A 76 0.01 9.11 6.33
CA GLU A 76 0.01 9.11 6.36
C GLU A 76 -0.33 9.76 4.98
C GLU A 76 -0.30 9.72 4.97
N GLN A 77 0.61 10.51 4.42
CA GLN A 77 0.44 11.11 3.11
C GLN A 77 0.42 10.03 2.00
N ILE A 78 1.37 9.11 2.05
CA ILE A 78 1.37 7.92 1.16
C ILE A 78 -0.01 7.24 1.29
N GLN A 79 -0.42 7.03 2.52
CA GLN A 79 -1.72 6.32 2.77
C GLN A 79 -2.87 7.07 2.13
N ALA A 80 -2.86 8.38 2.10
CA ALA A 80 -3.92 9.12 1.41
C ALA A 80 -3.94 8.85 -0.07
N VAL A 81 -2.76 8.69 -0.67
CA VAL A 81 -2.67 8.32 -2.11
C VAL A 81 -3.30 6.95 -2.30
N ILE A 82 -2.95 6.01 -1.45
CA ILE A 82 -3.50 4.66 -1.51
C ILE A 82 -5.03 4.72 -1.39
N ASP A 83 -5.46 5.44 -0.36
CA ASP A 83 -6.91 5.52 -0.04
C ASP A 83 -7.68 6.10 -1.18
N ALA A 84 -7.09 7.00 -1.96
CA ALA A 84 -7.74 7.60 -3.14
C ALA A 84 -7.86 6.65 -4.31
N GLY A 85 -7.19 5.50 -4.24
CA GLY A 85 -7.32 4.49 -5.26
C GLY A 85 -6.30 4.55 -6.36
N ALA A 86 -5.12 5.12 -6.11
CA ALA A 86 -4.08 5.27 -7.16
C ALA A 86 -3.54 3.89 -7.62
N LEU A 87 -3.45 2.90 -6.73
CA LEU A 87 -2.55 1.76 -7.04
C LEU A 87 -2.98 0.98 -8.29
N PRO A 88 -4.28 0.67 -8.48
CA PRO A 88 -4.61 -0.18 -9.63
C PRO A 88 -4.18 0.51 -10.92
N ALA A 89 -4.44 1.83 -11.06
CA ALA A 89 -4.09 2.51 -12.28
C ALA A 89 -2.57 2.54 -12.42
N LEU A 90 -1.85 2.82 -11.32
CA LEU A 90 -0.38 2.78 -11.36
C LEU A 90 0.13 1.42 -11.87
N VAL A 91 -0.35 0.32 -11.33
CA VAL A 91 0.09 -1.01 -11.80
C VAL A 91 -0.29 -1.15 -13.29
N GLN A 92 -1.50 -0.78 -13.72
CA GLN A 92 -1.88 -0.92 -15.15
C GLN A 92 -0.86 -0.13 -16.00
N LEU A 93 -0.46 1.07 -15.55
CA LEU A 93 0.53 1.88 -16.30
C LEU A 93 1.90 1.28 -16.40
N LEU A 94 2.26 0.27 -15.63
CA LEU A 94 3.52 -0.48 -15.89
C LEU A 94 3.50 -1.20 -17.26
N SER A 95 2.34 -1.40 -17.86
CA SER A 95 2.20 -2.02 -19.21
C SER A 95 2.11 -0.92 -20.27
N SER A 96 2.35 0.37 -19.93
CA SER A 96 2.25 1.42 -20.96
C SER A 96 3.27 1.20 -22.05
N PRO A 97 2.90 1.35 -23.34
CA PRO A 97 3.89 1.37 -24.41
C PRO A 97 4.80 2.62 -24.35
N ASN A 98 4.40 3.68 -23.65
CA ASN A 98 5.22 4.89 -23.48
C ASN A 98 6.21 4.72 -22.32
N GLU A 99 7.51 4.61 -22.60
CA GLU A 99 8.54 4.40 -21.57
C GLU A 99 8.61 5.53 -20.56
N GLN A 100 8.29 6.75 -20.95
CA GLN A 100 8.29 7.87 -20.00
C GLN A 100 7.19 7.69 -18.96
N ILE A 101 6.01 7.33 -19.44
CA ILE A 101 4.81 7.07 -18.62
C ILE A 101 5.14 5.87 -17.71
N LEU A 102 5.74 4.84 -18.29
N LEU A 102 5.76 4.85 -18.28
CA LEU A 102 6.20 3.68 -17.48
CA LEU A 102 6.14 3.68 -17.46
C LEU A 102 7.09 4.14 -16.33
C LEU A 102 7.12 4.09 -16.34
N GLN A 103 8.15 4.88 -16.63
CA GLN A 103 9.12 5.36 -15.62
C GLN A 103 8.39 6.11 -14.51
N GLU A 104 7.49 6.99 -14.89
CA GLU A 104 6.81 7.87 -13.91
C GLU A 104 5.95 6.99 -13.01
N ALA A 105 5.19 6.06 -13.60
CA ALA A 105 4.32 5.16 -12.78
C ALA A 105 5.17 4.33 -11.82
N LEU A 106 6.28 3.84 -12.32
CA LEU A 106 7.21 3.07 -11.55
C LEU A 106 7.79 3.88 -10.39
N TRP A 107 8.12 5.14 -10.63
N TRP A 107 8.11 5.15 -10.61
CA TRP A 107 8.61 6.08 -9.59
CA TRP A 107 8.65 6.00 -9.52
C TRP A 107 7.53 6.28 -8.51
C TRP A 107 7.53 6.31 -8.50
N ALA A 108 6.28 6.48 -8.92
CA ALA A 108 5.17 6.72 -7.97
C ALA A 108 5.01 5.49 -7.09
N LEU A 109 5.01 4.31 -7.70
CA LEU A 109 4.93 3.04 -6.94
C LEU A 109 6.07 2.87 -5.99
N SER A 110 7.29 3.08 -6.49
CA SER A 110 8.46 3.07 -5.63
C SER A 110 8.33 3.97 -4.43
N ASN A 111 7.81 5.16 -4.61
CA ASN A 111 7.64 6.06 -3.47
C ASN A 111 6.57 5.52 -2.49
N ILE A 112 5.45 4.98 -3.01
CA ILE A 112 4.40 4.39 -2.08
C ILE A 112 5.04 3.23 -1.28
N ALA A 113 5.89 2.44 -1.97
CA ALA A 113 6.49 1.27 -1.37
C ALA A 113 7.60 1.66 -0.39
N SER A 114 8.00 2.93 -0.31
CA SER A 114 9.01 3.42 0.64
C SER A 114 8.39 3.81 1.99
N GLY A 115 7.10 3.54 2.20
CA GLY A 115 6.37 3.74 3.46
C GLY A 115 6.55 2.56 4.41
N GLY A 116 5.65 2.45 5.32
CA GLY A 116 5.63 1.40 6.33
C GLY A 116 5.05 0.11 5.79
N ASN A 117 4.99 -0.87 6.64
CA ASN A 117 4.51 -2.20 6.17
C ASN A 117 3.07 -2.15 5.65
N GLU A 118 2.21 -1.24 6.12
CA GLU A 118 0.84 -1.20 5.57
C GLU A 118 0.82 -0.63 4.14
N GLN A 119 1.70 0.30 3.87
CA GLN A 119 1.82 0.92 2.57
C GLN A 119 2.44 -0.11 1.61
N ILE A 120 3.47 -0.80 2.06
CA ILE A 120 4.06 -1.91 1.25
C ILE A 120 2.97 -2.93 0.92
N GLN A 121 2.18 -3.34 1.93
CA GLN A 121 1.16 -4.34 1.73
C GLN A 121 0.17 -3.94 0.67
N ALA A 122 -0.21 -2.65 0.61
CA ALA A 122 -1.13 -2.16 -0.39
C ALA A 122 -0.54 -2.38 -1.79
N VAL A 123 0.75 -2.12 -1.94
CA VAL A 123 1.46 -2.32 -3.21
C VAL A 123 1.42 -3.81 -3.62
N ILE A 124 1.65 -4.68 -2.68
CA ILE A 124 1.60 -6.14 -2.96
C ILE A 124 0.16 -6.54 -3.36
N ASP A 125 -0.83 -6.11 -2.58
CA ASP A 125 -2.24 -6.53 -2.83
C ASP A 125 -2.67 -6.03 -4.19
N ALA A 126 -2.20 -4.86 -4.63
CA ALA A 126 -2.57 -4.30 -5.93
C ALA A 126 -1.95 -5.07 -7.10
N GLY A 127 -1.00 -5.95 -6.86
CA GLY A 127 -0.46 -6.83 -7.89
C GLY A 127 0.74 -6.20 -8.57
N ALA A 128 1.53 -5.37 -7.86
CA ALA A 128 2.74 -4.80 -8.51
C ALA A 128 3.83 -5.83 -8.71
N LEU A 129 4.00 -6.85 -7.86
CA LEU A 129 5.27 -7.57 -7.75
C LEU A 129 5.58 -8.33 -9.05
N PRO A 130 4.64 -9.04 -9.71
CA PRO A 130 5.04 -9.76 -10.92
C PRO A 130 5.51 -8.79 -12.01
N ALA A 131 4.91 -7.62 -12.15
CA ALA A 131 5.30 -6.62 -13.14
C ALA A 131 6.73 -6.17 -12.79
N LEU A 132 6.97 -5.85 -11.52
CA LEU A 132 8.31 -5.34 -11.13
C LEU A 132 9.32 -6.40 -11.46
N VAL A 133 9.06 -7.68 -11.17
CA VAL A 133 10.05 -8.73 -11.52
C VAL A 133 10.26 -8.79 -13.01
N GLN A 134 9.19 -8.76 -13.80
N GLN A 134 9.21 -8.71 -13.83
CA GLN A 134 9.34 -8.72 -15.28
CA GLN A 134 9.39 -8.75 -15.31
C GLN A 134 10.31 -7.59 -15.62
C GLN A 134 10.18 -7.52 -15.78
N LEU A 135 10.05 -6.39 -15.08
CA LEU A 135 10.79 -5.18 -15.49
C LEU A 135 12.27 -5.36 -15.15
N LEU A 136 12.64 -6.31 -14.33
CA LEU A 136 14.11 -6.53 -14.10
C LEU A 136 14.81 -6.98 -15.40
N SER A 137 14.07 -7.38 -16.42
N SER A 137 14.07 -7.39 -16.42
CA SER A 137 14.59 -7.81 -17.75
CA SER A 137 14.59 -7.83 -17.74
C SER A 137 14.43 -6.69 -18.77
C SER A 137 14.62 -6.66 -18.72
N SER A 138 14.18 -5.45 -18.34
CA SER A 138 14.00 -4.31 -19.27
C SER A 138 15.34 -4.01 -19.94
N PRO A 139 15.36 -3.75 -21.27
CA PRO A 139 16.53 -3.20 -21.96
C PRO A 139 16.89 -1.78 -21.48
N ASN A 140 15.90 -1.02 -20.96
CA ASN A 140 16.06 0.38 -20.51
C ASN A 140 16.62 0.36 -19.07
N GLU A 141 17.86 0.80 -18.87
CA GLU A 141 18.58 0.69 -17.57
C GLU A 141 17.91 1.60 -16.50
N GLN A 142 17.28 2.70 -16.89
CA GLN A 142 16.55 3.57 -15.95
C GLN A 142 15.34 2.77 -15.39
N ILE A 143 14.60 2.11 -16.29
N ILE A 143 14.60 2.08 -16.27
CA ILE A 143 13.45 1.26 -15.92
CA ILE A 143 13.40 1.31 -15.83
C ILE A 143 13.95 0.17 -14.98
C ILE A 143 13.89 0.11 -15.02
N LEU A 144 15.02 -0.50 -15.35
CA LEU A 144 15.56 -1.56 -14.51
C LEU A 144 15.92 -1.04 -13.11
N GLN A 145 16.60 0.10 -13.04
CA GLN A 145 17.01 0.71 -11.75
C GLN A 145 15.78 1.05 -10.93
N GLU A 146 14.74 1.63 -11.54
CA GLU A 146 13.56 2.03 -10.77
C GLU A 146 12.80 0.80 -10.30
N ALA A 147 12.77 -0.24 -11.10
CA ALA A 147 12.10 -1.50 -10.70
C ALA A 147 12.82 -2.17 -9.53
N LEU A 148 14.16 -2.15 -9.55
CA LEU A 148 14.98 -2.68 -8.45
C LEU A 148 14.76 -1.87 -7.19
N TRP A 149 14.68 -0.52 -7.27
N TRP A 149 14.69 -0.54 -7.29
CA TRP A 149 14.43 0.34 -6.06
CA TRP A 149 14.42 0.37 -6.14
C TRP A 149 13.05 0.01 -5.49
C TRP A 149 13.06 0.05 -5.52
N ALA A 150 12.04 -0.15 -6.35
CA ALA A 150 10.71 -0.48 -5.82
C ALA A 150 10.71 -1.84 -5.13
N LEU A 151 11.34 -2.85 -5.74
CA LEU A 151 11.44 -4.18 -5.12
C LEU A 151 12.20 -4.14 -3.78
N SER A 152 13.32 -3.42 -3.80
CA SER A 152 14.11 -3.28 -2.58
C SER A 152 13.29 -2.65 -1.44
N ASN A 153 12.47 -1.66 -1.80
CA ASN A 153 11.58 -1.03 -0.79
C ASN A 153 10.59 -2.05 -0.29
N ILE A 154 9.94 -2.78 -1.24
CA ILE A 154 8.96 -3.80 -0.75
C ILE A 154 9.63 -4.84 0.18
N ALA A 155 10.85 -5.23 -0.16
CA ALA A 155 11.59 -6.24 0.56
C ALA A 155 12.11 -5.69 1.89
N SER A 156 11.92 -4.42 2.18
CA SER A 156 12.26 -3.83 3.49
C SER A 156 11.12 -4.05 4.50
N GLY A 157 10.01 -4.65 4.12
CA GLY A 157 8.91 -4.93 5.03
C GLY A 157 9.14 -6.15 5.90
N GLY A 158 8.05 -6.65 6.42
CA GLY A 158 8.01 -7.83 7.30
C GLY A 158 8.22 -9.11 6.54
N ASN A 159 8.32 -10.22 7.24
CA ASN A 159 8.73 -11.49 6.59
C ASN A 159 7.71 -11.92 5.52
N GLU A 160 6.43 -11.66 5.72
CA GLU A 160 5.40 -12.05 4.76
C GLU A 160 5.61 -11.22 3.49
N GLN A 161 6.02 -9.97 3.64
CA GLN A 161 6.23 -9.08 2.47
C GLN A 161 7.43 -9.54 1.71
N ILE A 162 8.51 -9.85 2.45
CA ILE A 162 9.67 -10.49 1.82
C ILE A 162 9.25 -11.73 1.05
N GLN A 163 8.50 -12.56 1.71
CA GLN A 163 8.13 -13.87 1.11
C GLN A 163 7.31 -13.59 -0.17
N ALA A 164 6.51 -12.53 -0.22
CA ALA A 164 5.78 -12.15 -1.47
C ALA A 164 6.76 -11.85 -2.58
N VAL A 165 7.85 -11.13 -2.26
CA VAL A 165 8.89 -10.87 -3.27
C VAL A 165 9.54 -12.21 -3.74
N ILE A 166 9.85 -13.10 -2.85
CA ILE A 166 10.45 -14.43 -3.18
C ILE A 166 9.41 -15.17 -4.07
N ASP A 167 8.17 -15.16 -3.62
CA ASP A 167 7.09 -15.92 -4.34
C ASP A 167 6.85 -15.37 -5.75
N ALA A 168 7.09 -14.09 -6.02
CA ALA A 168 7.04 -13.47 -7.34
C ALA A 168 8.27 -13.85 -8.23
N GLY A 169 9.18 -14.61 -7.70
CA GLY A 169 10.33 -15.12 -8.49
C GLY A 169 11.44 -14.07 -8.69
N ALA A 170 11.56 -13.15 -7.76
CA ALA A 170 12.63 -12.12 -7.80
C ALA A 170 14.03 -12.69 -7.71
N LEU A 171 14.23 -13.79 -7.03
CA LEU A 171 15.62 -14.11 -6.57
C LEU A 171 16.56 -14.40 -7.76
N PRO A 172 16.20 -15.21 -8.75
CA PRO A 172 17.09 -15.46 -9.88
C PRO A 172 17.57 -14.22 -10.60
N ALA A 173 16.68 -13.24 -10.81
CA ALA A 173 16.97 -12.01 -11.54
C ALA A 173 17.97 -11.20 -10.67
N LEU A 174 17.67 -11.15 -9.38
CA LEU A 174 18.47 -10.35 -8.44
C LEU A 174 19.87 -10.94 -8.39
N VAL A 175 19.98 -12.24 -8.25
CA VAL A 175 21.34 -12.88 -8.16
C VAL A 175 22.03 -12.60 -9.48
N GLN A 176 21.34 -12.73 -10.60
CA GLN A 176 21.93 -12.44 -11.91
C GLN A 176 22.44 -11.01 -11.93
N LEU A 177 21.70 -10.06 -11.36
CA LEU A 177 22.06 -8.65 -11.49
C LEU A 177 23.31 -8.32 -10.63
N LEU A 178 23.61 -9.14 -9.66
CA LEU A 178 24.92 -8.93 -8.94
C LEU A 178 26.11 -9.02 -9.92
N SER A 179 25.94 -9.57 -11.13
CA SER A 179 26.99 -9.58 -12.20
C SER A 179 26.91 -8.39 -13.17
N SER A 180 26.07 -7.35 -12.94
CA SER A 180 25.90 -6.22 -13.87
C SER A 180 27.22 -5.47 -13.96
N PRO A 181 27.58 -4.98 -15.16
CA PRO A 181 28.73 -4.08 -15.30
C PRO A 181 28.38 -2.72 -14.73
N ASN A 182 27.10 -2.43 -14.54
CA ASN A 182 26.66 -1.14 -13.95
C ASN A 182 26.76 -1.23 -12.43
N GLU A 183 27.58 -0.40 -11.82
CA GLU A 183 27.74 -0.44 -10.35
C GLU A 183 26.48 0.00 -9.60
N GLN A 184 25.65 0.91 -10.15
CA GLN A 184 24.42 1.32 -9.45
C GLN A 184 23.38 0.17 -9.42
N ILE A 185 23.24 -0.52 -10.55
CA ILE A 185 22.38 -1.75 -10.68
C ILE A 185 22.89 -2.78 -9.70
N LEU A 186 24.21 -3.02 -9.68
CA LEU A 186 24.75 -3.96 -8.70
C LEU A 186 24.41 -3.56 -7.27
N GLN A 187 24.64 -2.32 -6.91
CA GLN A 187 24.36 -1.86 -5.54
C GLN A 187 22.85 -2.02 -5.20
N GLU A 188 22.00 -1.71 -6.14
CA GLU A 188 20.55 -1.87 -5.86
C GLU A 188 20.15 -3.33 -5.73
N ALA A 189 20.70 -4.22 -6.59
CA ALA A 189 20.43 -5.65 -6.48
C ALA A 189 20.91 -6.11 -5.14
N LEU A 190 22.14 -5.71 -4.78
CA LEU A 190 22.68 -6.06 -3.48
C LEU A 190 21.84 -5.58 -2.31
N TRP A 191 21.32 -4.37 -2.38
N TRP A 191 21.28 -4.36 -2.27
CA TRP A 191 20.43 -3.83 -1.32
CA TRP A 191 20.45 -3.99 -1.09
C TRP A 191 19.16 -4.72 -1.17
C TRP A 191 19.11 -4.76 -1.11
N ALA A 192 18.53 -5.06 -2.28
CA ALA A 192 17.30 -5.86 -2.34
C ALA A 192 17.56 -7.20 -1.66
N LEU A 193 18.69 -7.84 -2.06
CA LEU A 193 18.95 -9.16 -1.52
C LEU A 193 19.26 -9.03 -0.06
N SER A 194 20.02 -7.97 0.29
CA SER A 194 20.30 -7.74 1.69
C SER A 194 19.05 -7.58 2.55
N ASN A 195 18.04 -6.86 2.04
CA ASN A 195 16.74 -6.75 2.73
C ASN A 195 16.03 -8.09 2.84
N ILE A 196 16.05 -8.90 1.78
CA ILE A 196 15.43 -10.24 1.81
C ILE A 196 16.15 -11.04 2.87
N ALA A 197 17.48 -10.91 2.95
CA ALA A 197 18.29 -11.69 3.88
C ALA A 197 18.00 -11.34 5.32
N SER A 198 17.33 -10.23 5.60
N SER A 198 17.32 -10.22 5.56
CA SER A 198 16.98 -9.83 6.98
CA SER A 198 16.92 -9.72 6.89
C SER A 198 15.70 -10.53 7.43
C SER A 198 15.68 -10.47 7.38
N GLY A 199 15.08 -11.35 6.58
CA GLY A 199 13.89 -12.10 7.01
C GLY A 199 14.24 -13.34 7.82
N GLY A 200 13.26 -14.21 8.03
CA GLY A 200 13.43 -15.47 8.81
C GLY A 200 14.23 -16.53 8.10
N ASN A 201 14.42 -17.67 8.76
CA ASN A 201 15.29 -18.75 8.19
C ASN A 201 14.81 -19.19 6.83
N GLU A 202 13.50 -19.32 6.60
CA GLU A 202 12.94 -19.64 5.26
C GLU A 202 13.39 -18.63 4.23
N GLN A 203 13.32 -17.32 4.53
CA GLN A 203 13.75 -16.30 3.56
C GLN A 203 15.25 -16.44 3.31
N LYS A 204 16.04 -16.54 4.36
CA LYS A 204 17.53 -16.69 4.21
C LYS A 204 17.86 -17.94 3.39
N GLN A 205 17.09 -19.01 3.61
CA GLN A 205 17.35 -20.29 2.96
C GLN A 205 17.03 -20.13 1.49
N ALA A 206 15.95 -19.45 1.11
CA ALA A 206 15.68 -19.18 -0.31
C ALA A 206 16.81 -18.40 -0.98
N VAL A 207 17.37 -17.36 -0.32
CA VAL A 207 18.49 -16.57 -0.87
C VAL A 207 19.70 -17.50 -1.13
N LYS A 208 19.94 -18.36 -0.21
CA LYS A 208 21.08 -19.35 -0.38
C LYS A 208 20.75 -20.32 -1.51
N GLU A 209 19.50 -20.77 -1.67
CA GLU A 209 19.18 -21.72 -2.75
C GLU A 209 19.34 -21.05 -4.10
N ALA A 210 19.23 -19.73 -4.14
CA ALA A 210 19.28 -19.03 -5.42
C ALA A 210 20.75 -18.75 -5.82
N GLY A 211 21.70 -19.15 -4.98
CA GLY A 211 23.12 -19.00 -5.32
C GLY A 211 23.65 -17.62 -4.99
N ALA A 212 22.99 -16.87 -4.10
CA ALA A 212 23.49 -15.52 -3.68
C ALA A 212 24.88 -15.65 -3.05
N LEU A 213 25.13 -16.71 -2.25
CA LEU A 213 26.33 -16.78 -1.33
C LEU A 213 27.60 -16.68 -2.16
N GLU A 214 27.70 -17.49 -3.20
CA GLU A 214 28.94 -17.52 -4.01
C GLU A 214 29.21 -16.08 -4.48
N LYS A 215 28.18 -15.34 -4.88
CA LYS A 215 28.39 -14.05 -5.57
C LYS A 215 28.70 -13.00 -4.51
N LEU A 216 28.07 -13.08 -3.33
CA LEU A 216 28.25 -12.08 -2.26
C LEU A 216 29.68 -12.26 -1.79
N GLU A 217 30.05 -13.53 -1.64
CA GLU A 217 31.50 -13.74 -1.27
C GLU A 217 32.43 -13.02 -2.22
N GLN A 218 32.23 -13.18 -3.53
CA GLN A 218 33.06 -12.53 -4.57
C GLN A 218 33.00 -11.06 -4.30
N LEU A 219 31.80 -10.48 -4.02
CA LEU A 219 31.69 -9.01 -3.90
C LEU A 219 32.36 -8.39 -2.66
N GLN A 220 32.77 -9.19 -1.70
CA GLN A 220 33.49 -8.61 -0.50
C GLN A 220 34.78 -7.96 -0.93
N SER A 221 35.28 -8.37 -2.08
CA SER A 221 36.54 -7.83 -2.65
C SER A 221 36.31 -6.97 -3.88
N HIS A 222 35.08 -6.53 -4.16
CA HIS A 222 34.84 -5.55 -5.25
C HIS A 222 35.74 -4.31 -5.06
N GLU A 223 36.12 -3.64 -6.13
CA GLU A 223 36.94 -2.40 -6.05
C GLU A 223 36.27 -1.32 -5.20
N ASN A 224 34.94 -1.19 -5.21
CA ASN A 224 34.20 -0.17 -4.46
C ASN A 224 34.05 -0.60 -3.00
N GLU A 225 34.58 0.18 -2.05
CA GLU A 225 34.51 -0.17 -0.60
C GLU A 225 33.08 -0.15 -0.11
N LYS A 226 32.17 0.69 -0.62
CA LYS A 226 30.76 0.66 -0.15
C LYS A 226 30.14 -0.71 -0.53
N ILE A 227 30.43 -1.23 -1.70
CA ILE A 227 29.94 -2.58 -2.17
C ILE A 227 30.56 -3.69 -1.31
N GLN A 228 31.84 -3.59 -1.03
CA GLN A 228 32.49 -4.55 -0.11
C GLN A 228 31.70 -4.60 1.18
N LYS A 229 31.36 -3.48 1.79
CA LYS A 229 30.71 -3.53 3.14
C LYS A 229 29.29 -4.05 3.01
N GLU A 230 28.56 -3.60 1.99
CA GLU A 230 27.21 -4.08 1.69
C GLU A 230 27.24 -5.60 1.54
N ALA A 231 28.23 -6.16 0.83
CA ALA A 231 28.30 -7.61 0.58
C ALA A 231 28.69 -8.32 1.86
N GLN A 232 29.68 -7.79 2.57
CA GLN A 232 30.12 -8.39 3.85
C GLN A 232 28.91 -8.43 4.78
N GLU A 233 28.10 -7.38 4.81
CA GLU A 233 26.91 -7.31 5.70
C GLU A 233 25.75 -8.21 5.24
N ALA A 234 25.50 -8.31 3.94
CA ALA A 234 24.48 -9.27 3.46
C ALA A 234 24.92 -10.65 3.92
N LEU A 235 26.21 -10.97 3.74
CA LEU A 235 26.69 -12.33 4.04
C LEU A 235 26.43 -12.65 5.51
N GLU A 236 26.73 -11.68 6.37
CA GLU A 236 26.56 -11.81 7.84
C GLU A 236 25.09 -12.15 8.13
N LYS A 237 24.13 -11.42 7.53
CA LYS A 237 22.66 -11.73 7.71
C LYS A 237 22.32 -13.14 7.23
N LEU A 238 22.88 -13.61 6.11
CA LEU A 238 22.61 -15.00 5.64
C LEU A 238 23.23 -16.01 6.58
N GLN A 239 24.50 -15.82 6.98
CA GLN A 239 25.30 -16.77 7.79
C GLN A 239 24.63 -16.86 9.16
N SER A 240 23.65 -16.00 9.41
CA SER A 240 22.93 -15.86 10.70
C SER A 240 21.58 -16.60 10.60
N LYS B 1 -11.89 1.40 -1.13
CA LYS B 1 -11.48 0.11 -1.70
C LYS B 1 -12.57 -0.92 -1.31
N VAL B 2 -12.86 -1.83 -2.22
CA VAL B 2 -13.69 -3.03 -1.94
C VAL B 2 -12.73 -4.20 -1.80
N PHE B 3 -12.56 -4.70 -0.57
CA PHE B 3 -11.72 -5.88 -0.33
C PHE B 3 -12.29 -7.12 -1.02
N GLY B 4 -11.44 -8.04 -1.39
CA GLY B 4 -11.81 -9.45 -1.60
C GLY B 4 -11.89 -10.20 -0.29
N ARG B 5 -12.57 -11.33 -0.34
CA ARG B 5 -12.91 -12.12 0.85
C ARG B 5 -11.64 -12.50 1.57
N CYS B 6 -10.80 -13.28 0.93
CA CYS B 6 -9.56 -13.76 1.53
C CYS B 6 -8.62 -12.59 1.76
N GLU B 7 -8.61 -11.55 0.96
CA GLU B 7 -7.75 -10.37 1.18
C GLU B 7 -8.12 -9.76 2.52
N LEU B 8 -9.40 -9.62 2.80
N LEU B 8 -9.41 -9.59 2.77
CA LEU B 8 -9.80 -9.04 4.11
CA LEU B 8 -9.82 -9.04 4.10
C LEU B 8 -9.52 -10.00 5.24
C LEU B 8 -9.46 -10.02 5.21
N ALA B 9 -9.79 -11.29 5.05
CA ALA B 9 -9.48 -12.31 6.05
C ALA B 9 -8.00 -12.28 6.43
N ALA B 10 -7.13 -12.18 5.42
CA ALA B 10 -5.68 -12.13 5.73
C ALA B 10 -5.34 -10.86 6.44
N ALA B 11 -5.87 -9.72 6.05
CA ALA B 11 -5.66 -8.44 6.74
C ALA B 11 -6.14 -8.47 8.19
N MET B 12 -7.31 -9.02 8.38
CA MET B 12 -7.85 -9.12 9.77
C MET B 12 -6.98 -10.10 10.62
N LYS B 13 -6.52 -11.15 10.06
CA LYS B 13 -5.66 -12.13 10.79
C LYS B 13 -4.35 -11.43 11.12
N ARG B 14 -3.71 -10.74 10.16
CA ARG B 14 -2.41 -10.05 10.45
C ARG B 14 -2.61 -9.06 11.57
N HIS B 15 -3.78 -8.40 11.74
CA HIS B 15 -4.11 -7.44 12.76
C HIS B 15 -4.65 -8.02 14.06
N GLY B 16 -4.61 -9.34 14.20
CA GLY B 16 -4.88 -9.91 15.52
C GLY B 16 -6.33 -10.19 15.79
N LEU B 17 -7.22 -10.23 14.81
CA LEU B 17 -8.69 -10.43 15.07
C LEU B 17 -9.09 -11.88 15.10
N ASP B 18 -8.28 -12.82 14.60
CA ASP B 18 -8.69 -14.25 14.59
C ASP B 18 -8.78 -14.79 15.99
N ASN B 19 -9.97 -14.98 16.50
CA ASN B 19 -10.30 -15.55 17.83
C ASN B 19 -10.00 -14.49 18.85
N TYR B 20 -10.06 -13.22 18.43
CA TYR B 20 -10.09 -12.16 19.45
C TYR B 20 -11.40 -12.19 20.21
N ARG B 21 -11.29 -12.20 21.56
CA ARG B 21 -12.45 -12.36 22.46
C ARG B 21 -13.25 -13.62 22.12
N GLY B 22 -12.58 -14.61 21.59
CA GLY B 22 -13.10 -15.91 21.21
C GLY B 22 -13.93 -15.90 19.95
N TYR B 23 -13.91 -14.82 19.16
CA TYR B 23 -14.63 -14.78 17.85
C TYR B 23 -13.70 -15.14 16.68
N SER B 24 -13.96 -16.32 16.08
CA SER B 24 -13.18 -16.82 14.96
C SER B 24 -13.19 -15.80 13.79
N LEU B 25 -12.17 -15.84 12.98
CA LEU B 25 -11.91 -14.89 11.89
C LEU B 25 -13.17 -14.87 11.00
N GLY B 26 -13.82 -15.98 10.76
CA GLY B 26 -15.03 -16.01 9.89
C GLY B 26 -16.10 -15.05 10.41
N ASN B 27 -16.27 -14.92 11.72
CA ASN B 27 -17.25 -13.97 12.27
C ASN B 27 -16.92 -12.56 11.80
N TRP B 28 -15.68 -12.16 11.83
CA TRP B 28 -15.27 -10.78 11.52
C TRP B 28 -15.45 -10.55 10.04
N VAL B 29 -15.04 -11.52 9.20
CA VAL B 29 -15.23 -11.37 7.72
C VAL B 29 -16.73 -11.25 7.39
N CYS B 30 -17.56 -12.14 7.92
CA CYS B 30 -19.03 -12.10 7.74
C CYS B 30 -19.54 -10.75 8.21
N ALA B 31 -19.08 -10.24 9.36
CA ALA B 31 -19.58 -8.99 9.88
C ALA B 31 -19.26 -7.90 8.85
N ALA B 32 -18.04 -7.85 8.35
CA ALA B 32 -17.67 -6.84 7.35
C ALA B 32 -18.59 -6.96 6.09
N LYS B 33 -18.80 -8.18 5.62
CA LYS B 33 -19.62 -8.40 4.39
C LYS B 33 -20.95 -7.70 4.59
N PHE B 34 -21.64 -7.99 5.67
CA PHE B 34 -23.05 -7.57 5.90
C PHE B 34 -23.10 -6.17 6.44
N GLU B 35 -22.04 -5.62 7.05
CA GLU B 35 -22.02 -4.22 7.48
C GLU B 35 -21.71 -3.30 6.32
N SER B 36 -20.71 -3.64 5.48
CA SER B 36 -20.14 -2.66 4.50
C SER B 36 -20.11 -3.22 3.09
N ASN B 37 -20.37 -4.52 2.88
CA ASN B 37 -20.11 -5.24 1.62
C ASN B 37 -18.63 -5.09 1.26
N PHE B 38 -17.76 -5.07 2.30
CA PHE B 38 -16.30 -5.09 2.12
C PHE B 38 -15.77 -3.73 1.63
N ASN B 39 -16.62 -2.71 1.64
CA ASN B 39 -16.26 -1.34 1.18
C ASN B 39 -15.72 -0.49 2.34
N THR B 40 -14.43 -0.14 2.26
CA THR B 40 -13.79 0.63 3.33
C THR B 40 -14.37 2.03 3.43
N GLN B 41 -15.05 2.51 2.39
CA GLN B 41 -15.53 3.91 2.40
C GLN B 41 -17.03 3.93 2.75
N ALA B 42 -17.63 2.79 3.11
CA ALA B 42 -19.08 2.73 3.38
C ALA B 42 -19.40 3.72 4.51
N THR B 43 -20.54 4.44 4.40
CA THR B 43 -21.00 5.32 5.49
C THR B 43 -22.51 5.22 5.51
N ASN B 44 -23.08 5.31 6.72
N ASN B 44 -23.12 5.33 6.70
CA ASN B 44 -24.53 5.19 6.97
CA ASN B 44 -24.60 5.20 6.80
C ASN B 44 -24.91 6.28 7.96
C ASN B 44 -25.02 6.15 7.92
N ARG B 45 -25.82 7.16 7.54
CA ARG B 45 -26.33 8.22 8.44
C ARG B 45 -27.52 7.66 9.23
N ASN B 46 -27.55 7.88 10.54
CA ASN B 46 -28.62 7.44 11.44
C ASN B 46 -29.49 8.65 11.80
N THR B 47 -30.74 8.35 12.12
CA THR B 47 -31.75 9.38 12.49
C THR B 47 -31.29 10.12 13.73
N ASP B 48 -30.42 9.53 14.57
CA ASP B 48 -29.99 10.21 15.83
C ASP B 48 -28.86 11.19 15.55
N GLY B 49 -28.54 11.42 14.28
CA GLY B 49 -27.50 12.35 13.80
C GLY B 49 -26.08 11.76 13.88
N SER B 50 -25.97 10.51 14.33
CA SER B 50 -24.66 9.80 14.24
C SER B 50 -24.54 9.19 12.84
N THR B 51 -23.32 8.76 12.50
CA THR B 51 -23.00 8.10 11.24
C THR B 51 -22.16 6.87 11.56
N ASP B 52 -22.34 5.80 10.81
CA ASP B 52 -21.50 4.57 10.91
C ASP B 52 -20.46 4.60 9.79
N TYR B 53 -19.19 4.36 10.09
CA TYR B 53 -18.12 4.49 9.14
C TYR B 53 -17.32 3.20 8.95
N GLY B 54 -17.02 2.93 7.68
CA GLY B 54 -15.97 2.01 7.25
C GLY B 54 -16.45 0.59 7.27
N ILE B 55 -15.49 -0.28 7.01
CA ILE B 55 -15.62 -1.73 6.84
C ILE B 55 -16.44 -2.36 7.97
N LEU B 56 -16.35 -1.81 9.21
CA LEU B 56 -17.16 -2.41 10.29
C LEU B 56 -18.15 -1.40 10.86
N GLN B 57 -18.46 -0.35 10.09
CA GLN B 57 -19.62 0.53 10.40
C GLN B 57 -19.58 1.00 11.87
N ILE B 58 -18.50 1.63 12.28
CA ILE B 58 -18.25 2.09 13.63
C ILE B 58 -18.91 3.47 13.82
N ASN B 59 -19.71 3.54 14.86
CA ASN B 59 -20.63 4.67 15.14
C ASN B 59 -19.95 5.93 15.72
N SER B 60 -20.37 7.08 15.24
N SER B 60 -20.37 7.09 15.24
CA SER B 60 -19.81 8.41 15.59
CA SER B 60 -19.81 8.41 15.60
C SER B 60 -20.35 8.94 16.94
C SER B 60 -20.36 8.95 16.93
N ARG B 61 -21.39 8.34 17.52
CA ARG B 61 -21.84 8.79 18.87
C ARG B 61 -20.94 8.17 19.91
N TRP B 62 -20.66 6.86 19.83
CA TRP B 62 -19.93 6.25 20.97
C TRP B 62 -18.42 6.21 20.69
N TRP B 63 -17.99 5.92 19.44
CA TRP B 63 -16.62 5.37 19.23
C TRP B 63 -15.66 6.29 18.53
N CYS B 64 -16.05 7.03 17.49
CA CYS B 64 -15.09 7.84 16.76
C CYS B 64 -15.61 9.29 16.66
N ASN B 65 -14.73 10.25 16.39
CA ASN B 65 -15.14 11.67 16.34
C ASN B 65 -15.27 12.09 14.89
N ASP B 66 -16.48 12.50 14.46
CA ASP B 66 -16.69 13.04 13.10
C ASP B 66 -16.96 14.57 13.21
N GLY B 67 -16.93 15.11 14.42
CA GLY B 67 -17.12 16.54 14.67
C GLY B 67 -18.53 17.00 14.35
N ARG B 68 -19.51 16.11 14.09
CA ARG B 68 -20.88 16.60 13.76
C ARG B 68 -21.96 15.82 14.48
N THR B 69 -21.61 15.03 15.51
CA THR B 69 -22.58 14.15 16.17
C THR B 69 -22.80 14.65 17.59
N PRO B 70 -24.05 15.00 17.97
CA PRO B 70 -24.27 15.44 19.35
C PRO B 70 -24.11 14.27 20.32
N GLY B 71 -23.67 14.57 21.53
CA GLY B 71 -23.57 13.55 22.57
C GLY B 71 -22.41 12.58 22.33
N SER B 72 -21.40 12.96 21.56
CA SER B 72 -20.33 12.04 21.11
C SER B 72 -19.28 11.83 22.22
N ARG B 73 -18.86 10.59 22.39
CA ARG B 73 -17.95 10.21 23.45
C ARG B 73 -16.59 9.86 22.90
N ASN B 74 -16.45 9.51 21.60
CA ASN B 74 -15.12 9.21 21.04
C ASN B 74 -14.32 8.23 21.92
N LEU B 75 -14.93 7.10 22.23
CA LEU B 75 -14.29 6.13 23.17
C LEU B 75 -13.08 5.44 22.53
N CYS B 76 -12.98 5.43 21.20
CA CYS B 76 -11.79 4.86 20.53
C CYS B 76 -10.70 5.89 20.33
N ASN B 77 -11.01 7.12 20.69
CA ASN B 77 -10.05 8.27 20.57
C ASN B 77 -9.44 8.29 19.17
N ILE B 78 -10.30 8.46 18.18
CA ILE B 78 -9.86 8.35 16.77
C ILE B 78 -10.80 9.19 15.94
N PRO B 79 -10.31 9.88 14.90
CA PRO B 79 -11.22 10.52 13.97
C PRO B 79 -11.92 9.45 13.11
N CYS B 80 -13.17 9.71 12.81
CA CYS B 80 -14.02 8.76 12.03
C CYS B 80 -13.38 8.60 10.64
N SER B 81 -12.75 9.66 10.09
CA SER B 81 -12.01 9.52 8.81
C SER B 81 -10.96 8.38 8.79
N ALA B 82 -10.30 8.08 9.89
CA ALA B 82 -9.26 7.02 9.96
C ALA B 82 -9.91 5.68 9.72
N LEU B 83 -11.19 5.62 10.01
CA LEU B 83 -11.93 4.35 9.89
C LEU B 83 -12.42 4.14 8.44
N LEU B 84 -12.11 5.05 7.53
CA LEU B 84 -12.41 4.88 6.09
C LEU B 84 -11.14 4.50 5.32
N SER B 85 -10.01 4.32 5.99
CA SER B 85 -8.77 4.01 5.28
C SER B 85 -8.79 2.58 4.71
N SER B 86 -7.96 2.34 3.70
CA SER B 86 -7.65 0.99 3.22
C SER B 86 -6.72 0.30 4.18
N ASP B 87 -6.00 1.07 4.99
CA ASP B 87 -5.21 0.55 6.10
C ASP B 87 -6.23 0.30 7.20
N ILE B 88 -6.52 -0.97 7.50
CA ILE B 88 -7.65 -1.26 8.42
C ILE B 88 -7.21 -1.15 9.86
N THR B 89 -5.99 -0.73 10.19
CA THR B 89 -5.48 -0.71 11.57
C THR B 89 -6.47 0.00 12.50
N ALA B 90 -6.89 1.20 12.16
CA ALA B 90 -7.70 1.93 13.15
C ALA B 90 -9.07 1.27 13.32
N SER B 91 -9.70 0.74 12.28
CA SER B 91 -11.00 0.08 12.40
C SER B 91 -10.81 -1.20 13.24
N VAL B 92 -9.69 -1.89 13.07
CA VAL B 92 -9.45 -3.11 13.86
C VAL B 92 -9.25 -2.70 15.30
N ASN B 93 -8.39 -1.77 15.62
CA ASN B 93 -8.12 -1.35 17.02
C ASN B 93 -9.43 -0.91 17.68
N CYS B 94 -10.26 -0.18 17.00
CA CYS B 94 -11.55 0.26 17.53
C CYS B 94 -12.47 -0.98 17.71
N ALA B 95 -12.49 -1.89 16.74
CA ALA B 95 -13.32 -3.11 16.84
C ALA B 95 -12.96 -3.89 18.11
N LYS B 96 -11.66 -3.96 18.45
CA LYS B 96 -11.25 -4.72 19.63
C LYS B 96 -11.80 -4.10 20.92
N LYS B 97 -11.92 -2.77 20.96
N LYS B 97 -11.94 -2.78 20.96
CA LYS B 97 -12.58 -2.07 22.08
CA LYS B 97 -12.59 -2.10 22.11
C LYS B 97 -14.09 -2.35 22.07
C LYS B 97 -14.11 -2.30 22.09
N ILE B 98 -14.70 -2.21 20.89
CA ILE B 98 -16.17 -2.42 20.77
C ILE B 98 -16.55 -3.79 21.29
N VAL B 99 -15.87 -4.82 20.82
CA VAL B 99 -16.17 -6.24 21.14
C VAL B 99 -15.99 -6.55 22.60
N SER B 100 -15.29 -5.66 23.27
CA SER B 100 -14.99 -5.82 24.71
C SER B 100 -15.97 -5.01 25.56
N ASP B 101 -16.95 -4.34 24.98
CA ASP B 101 -17.84 -3.32 25.61
C ASP B 101 -19.03 -4.01 26.30
N GLY B 102 -19.06 -5.36 26.43
CA GLY B 102 -20.02 -6.10 27.25
C GLY B 102 -21.04 -6.92 26.46
N ASN B 103 -21.03 -6.77 25.14
CA ASN B 103 -22.03 -7.42 24.28
C ASN B 103 -21.36 -8.31 23.24
N GLY B 104 -20.08 -8.58 23.35
CA GLY B 104 -19.37 -9.24 22.23
C GLY B 104 -19.72 -8.64 20.90
N MET B 105 -19.84 -9.51 19.88
CA MET B 105 -20.15 -9.03 18.51
C MET B 105 -21.62 -8.65 18.32
N ASN B 106 -22.43 -8.72 19.37
CA ASN B 106 -23.81 -8.22 19.25
C ASN B 106 -23.83 -6.73 19.07
N ALA B 107 -22.74 -6.02 19.34
CA ALA B 107 -22.66 -4.60 18.97
C ALA B 107 -22.89 -4.32 17.49
N TRP B 108 -22.56 -5.26 16.60
CA TRP B 108 -22.76 -5.14 15.13
C TRP B 108 -24.11 -5.76 14.76
N VAL B 109 -25.05 -4.87 14.47
CA VAL B 109 -26.45 -5.31 14.15
C VAL B 109 -26.47 -6.25 12.97
N ALA B 110 -25.66 -5.99 11.96
CA ALA B 110 -25.72 -6.86 10.75
C ALA B 110 -25.12 -8.20 11.08
N TRP B 111 -24.12 -8.25 11.97
CA TRP B 111 -23.59 -9.55 12.44
C TRP B 111 -24.68 -10.31 13.13
N ARG B 112 -25.46 -9.65 14.00
CA ARG B 112 -26.45 -10.36 14.80
C ARG B 112 -27.57 -10.89 13.88
N ASN B 113 -27.82 -10.15 12.83
CA ASN B 113 -28.93 -10.53 11.90
C ASN B 113 -28.55 -11.40 10.74
N ARG B 114 -27.30 -11.50 10.37
CA ARG B 114 -26.88 -12.25 9.18
C ARG B 114 -25.82 -13.32 9.43
N CYS B 115 -25.04 -13.21 10.50
CA CYS B 115 -23.81 -14.04 10.68
C CYS B 115 -23.91 -14.90 11.91
N LYS B 116 -24.45 -14.34 12.99
CA LYS B 116 -24.49 -15.06 14.26
C LYS B 116 -25.17 -16.39 14.06
N GLY B 117 -24.59 -17.43 14.60
CA GLY B 117 -25.15 -18.77 14.58
C GLY B 117 -24.92 -19.50 13.24
N THR B 118 -24.34 -18.86 12.22
CA THR B 118 -24.20 -19.46 10.86
C THR B 118 -22.85 -20.16 10.78
N ASP B 119 -22.62 -20.79 9.63
CA ASP B 119 -21.34 -21.49 9.40
C ASP B 119 -20.31 -20.43 8.99
N VAL B 120 -19.85 -19.58 9.92
CA VAL B 120 -19.09 -18.36 9.54
C VAL B 120 -17.72 -18.81 9.04
N GLN B 121 -17.28 -20.02 9.36
CA GLN B 121 -15.94 -20.38 8.82
C GLN B 121 -16.01 -20.53 7.31
N ALA B 122 -17.19 -20.63 6.67
CA ALA B 122 -17.24 -20.53 5.20
C ALA B 122 -16.61 -19.28 4.62
N TRP B 123 -16.61 -18.19 5.38
CA TRP B 123 -16.06 -16.94 4.89
C TRP B 123 -14.53 -17.05 4.82
N ILE B 124 -13.86 -18.02 5.43
CA ILE B 124 -12.40 -18.12 5.39
C ILE B 124 -11.95 -19.39 4.72
N ARG B 125 -12.87 -20.27 4.31
N ARG B 125 -12.88 -20.28 4.34
CA ARG B 125 -12.42 -21.55 3.69
CA ARG B 125 -12.50 -21.49 3.57
C ARG B 125 -11.89 -21.20 2.29
C ARG B 125 -11.83 -21.08 2.27
N GLY B 126 -10.60 -21.68 2.05
CA GLY B 126 -10.06 -21.51 0.57
C GLY B 126 -8.95 -20.50 0.80
N CYS B 127 -8.92 -19.75 1.93
CA CYS B 127 -7.94 -18.63 2.09
C CYS B 127 -6.58 -19.19 2.56
N ARG B 128 -5.49 -18.52 2.30
CA ARG B 128 -4.18 -19.15 2.70
C ARG B 128 -3.87 -18.67 4.11
N LEU B 129 -4.41 -19.33 5.15
CA LEU B 129 -4.54 -18.76 6.52
C LEU B 129 -4.58 -19.92 7.56
#